data_2MCC
#
_entry.id   2MCC
#
loop_
_entity.id
_entity.type
_entity.pdbx_description
1 polymer human_telomere_quadruplex
2 non-polymer "tetrakis(2,2'-bipyridine-kappa~2~N~1~,N~1'~)(mu-tetrapyrido[3,2-a:2',3'-c:3'',2''-h:2''',3'''-j]phenazine-1kappa~2~N~4~,N~5~:2kappa~2~N~13~,N~14~)diruthenium(4+)"
#
_entity_poly.entity_id   1
_entity_poly.type   'polydeoxyribonucleotide'
_entity_poly.pdbx_seq_one_letter_code
;(DA)(DG)(DG)(DG)(DT)(DT)(DA)(DG)(DG)(DG)(DT)(DT)(DA)(DG)(DG)(DG)(DT)(DT)(DA)(DG)
(DG)(DG)
;
_entity_poly.pdbx_strand_id   A
#
loop_
_chem_comp.id
_chem_comp.type
_chem_comp.name
_chem_comp.formula
DA DNA linking 2'-DEOXYADENOSINE-5'-MONOPHOSPHATE 'C10 H14 N5 O6 P'
DG DNA linking 2'-DEOXYGUANOSINE-5'-MONOPHOSPHATE 'C10 H14 N5 O7 P'
DT DNA linking THYMIDINE-5'-MONOPHOSPHATE 'C10 H15 N2 O8 P'
RUL non-polymer tetrakis(2,2'-bipyridine-kappa~2~N~1~,N~1'~)(mu-tetrapyrido[3,2-a:2',3'-c:3'',2''-h:2''',3'''-j]phenazine-1kappa~2~N~4~,N~5~:2kappa~2~N~13~,N~14~)diruthenium(4+) 'C64 H44 N14 Ru2 4'
#
# COMPACT_ATOMS: atom_id res chain seq x y z
RU3 RUL B . 4.08 -2.28 -1.37
RU4 RUL B . -6.51 3.43 2.77
N15 RUL B . 3.26 -0.48 -1.69
C65 RUL B . 3.24 0.22 -2.88
C66 RUL B . 2.24 1.18 -3.18
C67 RUL B . 1.19 1.44 -2.23
C68 RUL B . 1.26 0.78 -0.94
C69 RUL B . 2.25 -0.23 -0.73
C70 RUL B . 0.37 1.07 0.19
N16 RUL B . -0.58 2.08 0.09
N17 RUL B . 3.30 -2.00 0.45
C71 RUL B . 3.27 -2.94 1.48
C72 RUL B . 2.29 -2.94 2.50
C73 RUL B . 1.25 -1.95 2.44
C74 RUL B . 1.28 -0.92 1.43
C75 RUL B . 2.26 -1.05 0.41
C76 RUL B . 0.36 0.22 1.37
N18 RUL B . -0.64 0.38 2.37
N19 RUL B . 4.74 -4.22 -0.95
C77 RUL B . 5.99 -4.68 -1.10
C78 RUL B . 6.32 -6.04 -0.67
C79 RUL B . 5.28 -6.77 -0.20
C80 RUL B . 3.92 -6.41 -0.25
C81 RUL B . 3.66 -5.09 -0.84
N20 RUL B . 2.42 -3.32 -1.79
C82 RUL B . 1.27 -2.77 -2.34
C83 RUL B . 0.05 -3.57 -2.46
C84 RUL B . 0.13 -4.87 -2.04
C85 RUL B . 1.21 -5.46 -1.48
C86 RUL B . 2.42 -4.65 -1.36
N21 RUL B . 5.94 -1.55 -1.01
C87 RUL B . 6.64 -1.87 0.17
C88 RUL B . 8.02 -2.06 0.19
C89 RUL B . 8.75 -1.57 -0.91
C90 RUL B . 8.16 -1.18 -2.11
C91 RUL B . 6.75 -1.42 -2.24
N22 RUL B . 4.93 -2.43 -3.26
C92 RUL B . 4.31 -3.08 -4.34
C93 RUL B . 4.72 -2.75 -5.71
C94 RUL B . 5.68 -1.83 -5.83
C95 RUL B . 6.40 -1.24 -4.76
C96 RUL B . 6.02 -1.68 -3.43
N23 RUL B . -5.00 3.98 1.55
C97 RUL B . -5.09 4.72 0.35
C98 RUL B . -4.13 4.63 -0.69
C99 RUL B . -3.07 3.73 -0.59
C100 RUL B . -2.87 2.98 0.64
C101 RUL B . -3.90 3.06 1.64
C102 RUL B . -1.70 2.12 0.97
N24 RUL B . -4.95 2.38 3.72
C103 RUL B . -5.10 1.44 4.75
C104 RUL B . -4.16 0.38 4.96
C105 RUL B . -3.09 0.21 4.01
C106 RUL B . -2.90 1.22 2.97
C107 RUL B . -3.88 2.17 2.81
C108 RUL B . -1.70 1.25 2.10
N25 RUL B . -8.01 4.37 1.62
C109 RUL B . -8.93 5.13 2.19
C110 RUL B . -10.00 5.70 1.30
C111 RUL B . -9.95 5.19 0.09
C112 RUL B . -9.18 4.39 -0.54
C113 RUL B . -8.15 3.71 0.48
N26 RUL B . -6.96 1.97 1.48
C114 RUL B . -6.52 0.77 1.56
C115 RUL B . -6.50 -0.07 0.32
C116 RUL B . -6.92 0.68 -0.89
C117 RUL B . -7.41 1.85 -0.87
C118 RUL B . -7.59 2.63 0.28
N27 RUL B . -7.97 2.84 4.14
C119 RUL B . -8.76 1.72 3.92
C120 RUL B . -9.37 1.06 5.11
C121 RUL B . -9.18 1.65 6.26
C122 RUL B . -8.44 2.84 6.50
C123 RUL B . -7.88 3.45 5.29
N28 RUL B . -6.47 4.97 4.10
C124 RUL B . -6.46 6.36 3.68
C125 RUL B . -6.72 7.38 4.51
C126 RUL B . -7.32 7.08 5.85
C127 RUL B . -7.48 5.73 6.23
C128 RUL B . -7.27 4.74 5.33
H45 RUL B . 3.98 0.05 -3.65
H46 RUL B . 2.26 1.73 -4.11
H47 RUL B . 0.36 2.09 -2.48
H48 RUL B . 4.02 -3.72 1.53
H49 RUL B . 2.31 -3.67 3.30
H50 RUL B . 0.44 -2.01 3.15
H51 RUL B . 6.74 -4.05 -1.55
H52 RUL B . 7.30 -6.49 -0.71
H53 RUL B . 5.39 -7.73 0.28
H54 RUL B . 3.05 -6.96 0.08
H55 RUL B . 1.32 -1.78 -2.75
H56 RUL B . -0.80 -3.18 -2.83
H57 RUL B . -0.75 -5.48 -2.16
H58 RUL B . 1.27 -6.48 -1.12
H59 RUL B . 6.05 -2.00 1.07
H60 RUL B . 8.48 -2.59 1.01
H61 RUL B . 9.83 -1.49 -0.82
H62 RUL B . 8.74 -0.74 -2.91
H63 RUL B . 3.52 -3.81 -4.16
H64 RUL B . 4.27 -3.21 -6.58
H65 RUL B . 5.91 -1.52 -6.84
H66 RUL B . 7.18 -0.53 -4.96
H67 RUL B . -5.95 5.36 0.26
H68 RUL B . -4.23 5.27 -1.56
H69 RUL B . -2.39 3.59 -1.41
H70 RUL B . -5.94 1.52 5.43
H71 RUL B . -4.25 -0.28 5.81
H72 RUL B . -2.43 -0.64 4.04
H73 RUL B . -8.93 5.35 3.24
H74 RUL B . -10.72 6.44 1.63
H75 RUL B . -10.72 5.51 -0.59
H76 RUL B . -9.07 4.07 -1.56
H77 RUL B . -6.19 0.41 2.52
H78 RUL B . -6.20 -1.11 0.33
H79 RUL B . -6.83 0.24 -1.87
H80 RUL B . -7.73 2.30 -1.80
H81 RUL B . -8.90 1.35 2.90
H82 RUL B . -9.92 0.14 4.98
H83 RUL B . -9.65 1.15 7.09
H84 RUL B . -8.31 3.25 7.49
H85 RUL B . -6.29 6.55 2.63
H86 RUL B . -6.49 8.39 4.19
H87 RUL B . -7.65 7.89 6.51
H88 RUL B . -7.78 5.46 7.24
RU3 RUL B . 7.70 -1.63 0.06
RU4 RUL B . -5.14 1.84 -0.26
N15 RUL B . 6.46 -0.28 -0.94
C65 RUL B . 6.76 0.58 -1.98
C66 RUL B . 5.81 1.43 -2.61
C67 RUL B . 4.44 1.39 -2.21
C68 RUL B . 4.05 0.53 -1.13
C69 RUL B . 5.08 -0.32 -0.52
C70 RUL B . 2.65 0.45 -0.56
N16 RUL B . 1.59 1.18 -1.14
N17 RUL B . 5.92 -1.83 1.12
C71 RUL B . 5.61 -2.86 2.05
C72 RUL B . 4.31 -3.09 2.56
C73 RUL B . 3.21 -2.33 2.06
C74 RUL B . 3.42 -1.34 1.04
C75 RUL B . 4.79 -1.19 0.54
C76 RUL B . 2.33 -0.45 0.54
N18 RUL B . 0.98 -0.51 1.08
N19 RUL B . 8.67 -3.15 1.18
C77 RUL B . 9.02 -3.12 2.48
C78 RUL B . 9.78 -4.22 3.07
C79 RUL B . 9.89 -5.33 2.30
C80 RUL B . 9.44 -5.47 0.98
C81 RUL B . 8.57 -4.36 0.50
N20 RUL B . 6.93 -3.26 -0.82
C82 RUL B . 5.93 -3.26 -1.79
C83 RUL B . 5.57 -4.49 -2.49
C84 RUL B . 6.32 -5.60 -2.19
C85 RUL B . 7.33 -5.67 -1.30
C86 RUL B . 7.63 -4.45 -0.54
N21 RUL B . 9.01 -0.21 0.89
C87 RUL B . 9.25 1.11 0.42
C88 RUL B . 10.20 1.96 1.10
C89 RUL B . 11.30 1.24 1.69
C90 RUL B . 11.45 -0.18 1.60
C91 RUL B . 10.39 -0.82 0.85
N22 RUL B . 9.43 -1.49 -1.05
C92 RUL B . 9.53 -1.94 -2.39
C93 RUL B . 10.58 -2.91 -2.77
C94 RUL B . 11.47 -3.21 -1.82
C95 RUL B . 11.50 -2.65 -0.51
C96 RUL B . 10.46 -1.68 -0.23
N23 RUL B . -3.37 2.48 -1.12
C97 RUL B . -3.14 3.34 -2.21
C98 RUL B . -1.86 3.53 -2.82
C99 RUL B . -0.75 2.81 -2.36
C100 RUL B . -0.88 1.88 -1.28
C101 RUL B . -2.20 1.68 -0.72
C102 RUL B . 0.26 1.09 -0.63
N24 RUL B . -3.77 0.63 0.81
C103 RUL B . -4.03 -0.37 1.76
C104 RUL B . -3.01 -1.21 2.30
C105 RUL B . -1.67 -1.05 1.88
C106 RUL B . -1.37 -0.05 0.85
C107 RUL B . -2.41 0.70 0.32
C108 RUL B . 0.00 0.18 0.43
N25 RUL B . -6.46 2.97 -1.53
C109 RUL B . -7.65 3.43 -1.12
C110 RUL B . -8.50 4.13 -2.14
C111 RUL B . -8.05 3.94 -3.35
C112 RUL B . -7.05 3.35 -3.89
C113 RUL B . -6.27 2.52 -2.78
N26 RUL B . -5.26 0.63 -1.84
C114 RUL B . -4.78 -0.56 -1.88
C115 RUL B . -4.37 -1.12 -3.20
C116 RUL B . -4.51 -0.15 -4.32
C117 RUL B . -5.08 0.97 -4.21
C118 RUL B . -5.60 1.50 -3.02
N27 RUL B . -6.85 1.02 0.64
C119 RUL B . -7.54 -0.03 0.02
C120 RUL B . -8.61 -0.73 0.81
C121 RUL B . -8.87 -0.23 1.98
C122 RUL B . -8.34 0.96 2.55
C123 RUL B . -7.26 1.57 1.75
N28 RUL B . -5.53 3.16 1.23
C124 RUL B . -5.56 4.57 0.91
C125 RUL B . -6.30 5.52 1.55
C126 RUL B . -7.17 5.08 2.70
C127 RUL B . -7.24 3.70 2.99
C128 RUL B . -6.70 2.80 2.13
H45 RUL B . 7.78 0.67 -2.34
H46 RUL B . 6.11 2.10 -3.40
H47 RUL B . 3.69 2.01 -2.69
H48 RUL B . 6.38 -3.51 2.40
H49 RUL B . 4.15 -3.82 3.35
H50 RUL B . 2.22 -2.51 2.46
H51 RUL B . 8.73 -2.29 3.08
H52 RUL B . 10.25 -4.22 4.04
H53 RUL B . 10.34 -6.24 2.66
H54 RUL B . 9.64 -6.27 0.28
H55 RUL B . 5.64 -2.31 -2.22
H56 RUL B . 4.83 -4.52 -3.15
H57 RUL B . 6.06 -6.51 -2.72
H58 RUL B . 7.93 -6.53 -1.08
H59 RUL B . 8.82 1.40 -0.49
H60 RUL B . 10.06 3.02 1.14
H61 RUL B . 12.06 1.81 2.23
H62 RUL B . 12.28 -0.72 2.05
H63 RUL B . 8.83 -1.58 -3.13
H64 RUL B . 10.64 -3.36 -3.76
H65 RUL B . 12.24 -3.92 -2.08
H66 RUL B . 12.26 -2.94 0.20
H67 RUL B . -3.97 3.87 -2.60
H68 RUL B . -1.75 4.24 -3.62
H69 RUL B . 0.22 2.97 -2.81
H70 RUL B . -5.04 -0.50 2.14
H71 RUL B . -3.22 -1.92 3.08
H72 RUL B . -0.86 -1.63 2.30
H73 RUL B . -8.02 3.31 -0.13
H74 RUL B . -9.36 4.73 -1.87
H75 RUL B . -8.66 4.36 -4.15
H76 RUL B . -6.63 3.29 -4.89
H77 RUL B . -4.70 -1.12 -0.96
H78 RUL B . -3.99 -2.13 -3.32
H79 RUL B . -4.13 -0.36 -5.30
H80 RUL B . -5.19 1.61 -5.08
H81 RUL B . -7.30 -0.30 -0.99
H82 RUL B . -9.09 -1.60 0.39
H83 RUL B . -9.59 -0.79 2.55
H84 RUL B . -8.71 1.37 3.47
H85 RUL B . -4.94 4.85 0.07
H86 RUL B . -6.27 6.53 1.21
H87 RUL B . -7.72 5.80 3.29
H88 RUL B . -7.73 3.33 3.89
RU3 RUL B . 5.30 -2.21 -0.99
RU4 RUL B . -6.33 2.97 1.84
N15 RUL B . 4.33 -0.50 -1.47
C65 RUL B . 4.77 0.50 -2.30
C66 RUL B . 3.99 1.65 -2.61
C67 RUL B . 2.68 1.80 -2.02
C68 RUL B . 2.21 0.79 -1.11
C69 RUL B . 3.06 -0.38 -0.88
C70 RUL B . 0.92 0.83 -0.37
N16 RUL B . -0.05 1.85 -0.55
N17 RUL B . 3.63 -2.48 0.12
C71 RUL B . 3.30 -3.57 0.95
C72 RUL B . 2.06 -3.66 1.61
C73 RUL B . 1.13 -2.58 1.45
C74 RUL B . 1.44 -1.44 0.64
C75 RUL B . 2.69 -1.45 -0.03
C76 RUL B . 0.56 -0.31 0.48
N18 RUL B . -0.66 -0.38 1.12
N19 RUL B . 6.18 -4.10 -0.53
C77 RUL B . 7.52 -4.44 -0.43
C78 RUL B . 7.86 -5.76 0.10
C79 RUL B . 6.90 -6.70 -0.07
C80 RUL B . 5.56 -6.46 -0.51
C81 RUL B . 5.36 -5.11 -1.04
N20 RUL B . 4.44 -3.38 -2.39
C82 RUL B . 3.88 -2.96 -3.61
C83 RUL B . 3.38 -3.97 -4.57
C84 RUL B . 3.36 -5.28 -4.12
C85 RUL B . 3.72 -5.70 -2.88
C86 RUL B . 4.49 -4.75 -2.08
N21 RUL B . 6.34 -1.33 0.43
C87 RUL B . 5.99 -1.64 1.74
C88 RUL B . 6.81 -2.47 2.48
C89 RUL B . 8.16 -2.58 2.05
C90 RUL B . 8.71 -1.81 1.01
C91 RUL B . 7.76 -1.35 0.07
N22 RUL B . 7.03 -1.74 -2.08
C92 RUL B . 7.26 -2.05 -3.44
C93 RUL B . 8.45 -1.49 -4.10
C94 RUL B . 9.27 -0.75 -3.33
C95 RUL B . 9.11 -0.51 -1.95
C96 RUL B . 7.96 -1.16 -1.33
N23 RUL B . -4.70 3.55 0.77
C97 RUL B . -4.57 4.64 -0.08
C98 RUL B . -3.41 4.89 -0.87
C99 RUL B . -2.34 4.00 -0.83
C100 RUL B . -2.41 2.81 -0.02
C101 RUL B . -3.63 2.58 0.74
C102 RUL B . -1.32 1.78 0.14
N24 RUL B . -5.06 1.32 2.23
C103 RUL B . -5.31 0.18 2.99
C104 RUL B . -4.36 -0.87 3.13
C105 RUL B . -3.12 -0.77 2.42
C106 RUL B . -2.85 0.43 1.61
C107 RUL B . -3.81 1.39 1.52
C108 RUL B . -1.57 0.61 0.95
N25 RUL B . -7.60 4.59 1.28
C109 RUL B . -8.37 5.18 2.18
C110 RUL B . -9.35 6.20 1.71
C111 RUL B . -9.43 6.22 0.39
C112 RUL B . -8.85 5.62 -0.56
C113 RUL B . -7.91 4.46 0.00
N26 RUL B . -7.08 2.28 0.12
C114 RUL B . -6.93 1.09 -0.32
C115 RUL B . -7.05 0.85 -1.79
C116 RUL B . -7.29 2.09 -2.56
C117 RUL B . -7.54 3.22 -2.04
C118 RUL B . -7.57 3.48 -0.66
N27 RUL B . -7.94 2.22 2.97
C119 RUL B . -8.96 1.44 2.41
C120 RUL B . -9.53 0.34 3.25
C121 RUL B . -9.12 0.28 4.49
C122 RUL B . -8.17 1.14 5.11
C123 RUL B . -7.67 2.21 4.25
N28 RUL B . -5.99 3.79 3.68
C124 RUL B . -5.71 5.21 3.85
C125 RUL B . -6.09 5.95 4.90
C126 RUL B . -6.76 5.26 6.07
C127 RUL B . -7.00 3.87 5.95
C128 RUL B . -6.88 3.25 4.75
H45 RUL B . 5.75 0.46 -2.76
H46 RUL B . 4.37 2.41 -3.28
H47 RUL B . 2.06 2.65 -2.26
H48 RUL B . 3.97 -4.37 1.12
H49 RUL B . 1.83 -4.52 2.23
H50 RUL B . 0.18 -2.65 1.96
H51 RUL B . 8.29 -3.81 -0.80
H52 RUL B . 8.77 -6.02 0.62
H53 RUL B . 7.06 -7.76 0.10
H54 RUL B . 4.71 -7.13 -0.51
H55 RUL B . 3.52 -1.95 -3.68
H56 RUL B . 3.09 -3.74 -5.50
H57 RUL B . 3.02 -6.03 -4.81
H58 RUL B . 3.49 -6.66 -2.43
H59 RUL B . 5.08 -1.25 2.15
H60 RUL B . 6.40 -2.99 3.33
H61 RUL B . 8.80 -3.31 2.53
H62 RUL B . 9.76 -1.59 0.95
H63 RUL B . 6.58 -2.69 -3.98
H64 RUL B . 8.67 -1.65 -5.15
H65 RUL B . 10.13 -0.33 -3.83
H66 RUL B . 9.82 0.11 -1.41
H67 RUL B . -5.39 5.34 -0.11
H68 RUL B . -3.35 5.78 -1.46
H69 RUL B . -1.44 4.19 -1.42
H70 RUL B . -6.24 0.08 3.52
H71 RUL B . -4.56 -1.72 3.76
H72 RUL B . -2.36 -1.54 2.51
H73 RUL B . -8.31 4.94 3.24
H74 RUL B . -9.91 6.84 2.38
H75 RUL B . -10.16 6.90 -0.02
H76 RUL B . -8.86 5.72 -1.64
H77 RUL B . -6.72 0.31 0.39
H78 RUL B . -6.98 -0.13 -2.22
H79 RUL B . -7.25 2.10 -3.64
H80 RUL B . -7.76 4.07 -2.68
H81 RUL B . -9.29 1.66 1.40
H82 RUL B . -10.25 -0.34 2.81
H83 RUL B . -9.56 -0.52 5.06
H84 RUL B . -7.87 1.01 6.14
H85 RUL B . -5.20 5.67 3.04
H86 RUL B . -5.96 7.02 4.90
H87 RUL B . -7.04 5.79 6.96
H88 RUL B . -7.31 3.27 6.80
RU3 RUL B . 5.85 -3.35 1.01
RU4 RUL B . -5.22 2.67 -1.38
N15 RUL B . 5.55 -1.45 0.36
C65 RUL B . 6.47 -0.60 -0.19
C66 RUL B . 6.11 0.61 -0.86
C67 RUL B . 4.72 1.00 -0.96
C68 RUL B . 3.73 0.17 -0.31
C69 RUL B . 4.20 -1.11 0.28
C70 RUL B . 2.27 0.49 -0.17
N16 RUL B . 1.55 1.62 -0.77
N17 RUL B . 3.88 -3.23 1.35
C71 RUL B . 3.05 -4.22 1.85
C72 RUL B . 1.65 -4.10 1.86
C73 RUL B . 1.08 -2.90 1.31
C74 RUL B . 1.92 -1.81 0.87
C75 RUL B . 3.30 -2.06 0.82
C76 RUL B . 1.44 -0.50 0.53
N18 RUL B . 0.14 -0.23 0.85
N19 RUL B . 6.03 -5.39 1.55
C77 RUL B . 5.95 -5.94 2.78
C78 RUL B . 6.47 -7.28 3.01
C79 RUL B . 6.70 -8.02 1.90
C80 RUL B . 6.71 -7.54 0.58
C81 RUL B . 6.20 -6.17 0.42
N20 RUL B . 5.42 -4.26 -0.74
C82 RUL B . 4.49 -3.78 -1.72
C83 RUL B . 3.98 -4.73 -2.73
C84 RUL B . 4.67 -5.93 -2.83
C85 RUL B . 5.74 -6.29 -2.07
C86 RUL B . 5.84 -5.60 -0.80
N21 RUL B . 6.43 -2.77 2.82
C87 RUL B . 5.54 -2.54 3.88
C88 RUL B . 5.76 -3.07 5.14
C89 RUL B . 6.88 -3.90 5.29
C90 RUL B . 7.96 -3.90 4.43
C91 RUL B . 7.72 -3.37 3.14
N22 RUL B . 7.94 -3.33 0.80
C92 RUL B . 8.62 -3.48 -0.42
C93 RUL B . 10.09 -3.59 -0.42
C94 RUL B . 10.68 -3.61 0.79
C95 RUL B . 10.03 -3.56 2.03
C96 RUL B . 8.59 -3.41 1.98
N23 RUL B . -3.32 3.38 -1.52
C97 RUL B . -2.85 4.42 -2.34
C98 RUL B . -1.49 4.59 -2.72
C99 RUL B . -0.50 3.74 -2.21
C100 RUL B . -0.87 2.63 -1.38
C101 RUL B . -2.32 2.40 -1.17
C102 RUL B . 0.06 1.63 -0.70
N24 RUL B . -4.22 1.06 -0.48
C103 RUL B . -4.74 -0.17 -0.01
C104 RUL B . -3.92 -1.22 0.41
C105 RUL B . -2.50 -1.06 0.34
C106 RUL B . -1.94 0.22 -0.12
C107 RUL B . -2.79 1.16 -0.58
C108 RUL B . -0.54 0.54 0.02
N25 RUL B . -6.15 4.24 -2.46
C109 RUL B . -7.28 4.77 -2.03
C110 RUL B . -7.91 5.84 -2.85
C111 RUL B . -7.38 5.90 -4.06
C112 RUL B . -6.40 5.33 -4.66
C113 RUL B . -5.82 4.14 -3.74
N26 RUL B . -4.99 2.02 -3.27
C114 RUL B . -4.60 0.84 -3.58
C115 RUL B . -4.10 0.62 -4.97
C116 RUL B . -4.05 1.85 -5.78
C117 RUL B . -4.55 2.96 -5.43
C118 RUL B . -5.18 3.19 -4.19
N27 RUL B . -7.13 1.81 -1.24
C119 RUL B . -7.74 1.18 -2.33
C120 RUL B . -8.83 0.19 -2.05
C121 RUL B . -9.17 0.04 -0.80
C122 RUL B . -8.61 0.70 0.32
C123 RUL B . -7.56 1.68 0.00
N28 RUL B . -5.88 3.32 0.44
C124 RUL B . -5.98 4.72 0.84
C125 RUL B . -6.64 5.12 1.96
C126 RUL B . -7.43 4.08 2.74
C127 RUL B . -7.46 2.75 2.24
C128 RUL B . -7.00 2.50 1.00
H45 RUL B . 7.53 -0.80 -0.14
H46 RUL B . 6.86 1.24 -1.29
H47 RUL B . 4.40 1.85 -1.50
H48 RUL B . 3.45 -5.12 2.28
H49 RUL B . 1.02 -4.88 2.26
H50 RUL B . 0.02 -2.82 1.25
H51 RUL B . 5.48 -5.39 3.57
H52 RUL B . 6.67 -7.72 3.97
H53 RUL B . 6.89 -9.09 1.92
H54 RUL B . 7.05 -8.05 -0.31
H55 RUL B . 4.60 -2.72 -2.00
H56 RUL B . 3.17 -4.54 -3.29
H57 RUL B . 4.30 -6.65 -3.56
H58 RUL B . 6.53 -6.97 -2.32
H59 RUL B . 4.67 -1.93 3.69
H60 RUL B . 5.08 -2.83 5.94
H61 RUL B . 6.90 -4.59 6.12
H62 RUL B . 8.92 -4.28 4.72
H63 RUL B . 8.08 -3.49 -1.35
H64 RUL B . 10.68 -3.66 -1.31
H65 RUL B . 11.76 -3.68 0.78
H66 RUL B . 10.59 -3.63 2.95
H67 RUL B . -3.58 5.14 -2.67
H68 RUL B . -1.24 5.39 -3.38
H69 RUL B . 0.53 3.92 -2.42
H70 RUL B . -5.80 -0.32 0.06
H71 RUL B . -4.34 -2.12 0.83
H72 RUL B . -1.85 -1.84 0.64
H73 RUL B . -7.78 4.43 -1.13
H74 RUL B . -8.68 6.50 -2.48
H75 RUL B . -7.85 6.57 -4.76
H76 RUL B . -5.90 5.46 -5.60
H77 RUL B . -4.64 0.06 -2.84
H78 RUL B . -3.81 -0.36 -5.34
H79 RUL B . -3.57 1.87 -6.75
H80 RUL B . -4.52 3.81 -6.10
H81 RUL B . -7.41 1.41 -3.34
H82 RUL B . -9.27 -0.35 -2.88
H83 RUL B . -9.96 -0.68 -0.64
H84 RUL B . -8.95 0.51 1.33
H85 RUL B . -5.54 5.43 0.19
H86 RUL B . -6.60 6.16 2.24
H87 RUL B . -7.95 4.35 3.64
H88 RUL B . -7.85 1.93 2.83
RU3 RUL B . 6.45 -2.28 -1.10
RU4 RUL B . -5.57 2.95 0.61
N15 RUL B . 5.44 -0.65 -1.85
C65 RUL B . 5.86 0.31 -2.76
C66 RUL B . 5.05 1.40 -3.18
C67 RUL B . 3.71 1.56 -2.67
C68 RUL B . 3.23 0.61 -1.69
C69 RUL B . 4.14 -0.49 -1.31
C70 RUL B . 1.88 0.66 -1.01
N16 RUL B . 0.90 1.66 -1.33
N17 RUL B . 4.77 -2.37 0.02
C71 RUL B . 4.39 -3.43 0.84
C72 RUL B . 3.13 -3.53 1.45
C73 RUL B . 2.15 -2.53 1.13
C74 RUL B . 2.45 -1.45 0.23
C75 RUL B . 3.76 -1.44 -0.35
C76 RUL B . 1.52 -0.36 -0.06
N18 RUL B . 0.27 -0.40 0.56
N19 RUL B . 7.24 -4.02 -0.20
C77 RUL B . 7.75 -4.07 1.05
C78 RUL B . 8.14 -5.35 1.64
C79 RUL B . 7.93 -6.44 0.89
C80 RUL B . 7.39 -6.46 -0.41
C81 RUL B . 6.84 -5.17 -0.87
N20 RUL B . 5.50 -3.68 -2.17
C82 RUL B . 4.39 -3.43 -2.99
C83 RUL B . 3.70 -4.53 -3.65
C84 RUL B . 4.21 -5.79 -3.44
C85 RUL B . 5.29 -6.10 -2.68
C86 RUL B . 5.89 -5.02 -1.91
N21 RUL B . 7.80 -1.08 -0.11
C87 RUL B . 7.77 0.34 -0.22
C88 RUL B . 8.97 1.17 -0.21
C89 RUL B . 10.18 0.47 0.12
C90 RUL B . 10.24 -0.92 0.28
C91 RUL B . 9.17 -1.63 -0.31
N22 RUL B . 8.21 -2.25 -2.20
C92 RUL B . 8.30 -2.68 -3.55
C93 RUL B . 9.30 -3.69 -3.93
C94 RUL B . 10.18 -4.03 -2.96
C95 RUL B . 10.21 -3.50 -1.65
C96 RUL B . 9.21 -2.50 -1.38
N23 RUL B . -3.85 3.47 -0.42
C97 RUL B . -3.66 4.46 -1.40
C98 RUL B . -2.45 4.63 -2.14
C99 RUL B . -1.38 3.74 -1.95
C100 RUL B . -1.49 2.66 -1.01
C101 RUL B . -2.77 2.51 -0.31
C102 RUL B . -0.39 1.65 -0.67
N24 RUL B . -4.28 1.40 1.22
C103 RUL B . -4.55 0.33 2.10
C104 RUL B . -3.60 -0.68 2.37
C105 RUL B . -2.32 -0.60 1.75
C106 RUL B . -2.01 0.48 0.84
C107 RUL B . -2.98 1.41 0.59
C108 RUL B . -0.66 0.59 0.24
N25 RUL B . -6.81 4.50 -0.18
C109 RUL B . -7.67 5.14 0.60
C110 RUL B . -8.61 6.11 -0.04
C111 RUL B . -8.57 6.02 -1.35
C112 RUL B . -7.90 5.37 -2.20
C113 RUL B . -7.00 4.25 -1.46
N26 RUL B . -6.16 2.11 -1.11
C114 RUL B . -5.95 0.90 -1.43
C115 RUL B . -5.93 0.54 -2.89
C116 RUL B . -6.11 1.71 -3.77
C117 RUL B . -6.43 2.87 -3.36
C118 RUL B . -6.59 3.23 -2.02
N27 RUL B . -7.27 2.27 1.66
C119 RUL B . -8.24 1.48 1.04
C120 RUL B . -8.87 0.38 1.86
C121 RUL B . -8.54 0.36 3.13
C122 RUL B . -7.66 1.26 3.80
C123 RUL B . -7.12 2.32 2.95
N28 RUL B . -5.46 3.91 2.43
C124 RUL B . -5.21 5.33 2.56
C125 RUL B . -5.87 6.17 3.40
C126 RUL B . -6.69 5.55 4.52
C127 RUL B . -6.80 4.14 4.56
C128 RUL B . -6.47 3.41 3.45
H45 RUL B . 6.85 0.28 -3.18
H46 RUL B . 5.42 2.12 -3.90
H47 RUL B . 3.08 2.36 -3.00
H48 RUL B . 5.08 -4.24 1.05
H49 RUL B . 2.90 -4.32 2.15
H50 RUL B . 1.19 -2.59 1.60
H51 RUL B . 7.87 -3.16 1.61
H52 RUL B . 8.57 -5.48 2.63
H53 RUL B . 8.15 -7.44 1.22
H54 RUL B . 7.34 -7.29 -1.10
H55 RUL B . 4.22 -2.42 -3.31
H56 RUL B . 2.90 -4.38 -4.23
H57 RUL B . 3.71 -6.60 -3.94
H58 RUL B . 5.74 -7.07 -2.60
H59 RUL B . 6.80 0.79 -0.30
H60 RUL B . 8.93 2.19 -0.49
H61 RUL B . 11.09 1.05 0.25
H62 RUL B . 11.05 -1.40 0.82
H63 RUL B . 7.61 -2.28 -4.29
H64 RUL B . 9.37 -4.12 -4.92
H65 RUL B . 10.92 -4.77 -3.24
H66 RUL B . 10.93 -3.86 -0.93
H67 RUL B . -4.48 5.13 -1.57
H68 RUL B . -2.35 5.45 -2.82
H69 RUL B . -0.46 3.88 -2.50
H70 RUL B . -5.49 0.24 2.59
H71 RUL B . -3.82 -1.45 3.08
H72 RUL B . -1.55 -1.31 1.92
H73 RUL B . -7.72 4.98 1.67
H74 RUL B . -9.24 6.78 0.52
H75 RUL B . -9.27 6.65 -1.88
H76 RUL B . -7.79 5.38 -3.28
H77 RUL B . -5.78 0.16 -0.65
H78 RUL B . -5.81 -0.48 -3.24
H79 RUL B . -5.98 1.64 -4.84
H80 RUL B . -6.60 3.66 -4.08
H81 RUL B . -8.52 1.68 0.01
H82 RUL B . -9.53 -0.33 1.38
H83 RUL B . -8.99 -0.44 3.69
H84 RUL B . -7.42 1.16 4.85
H85 RUL B . -4.49 5.69 1.95
H86 RUL B . -5.81 7.23 3.25
H87 RUL B . -7.19 6.16 5.25
H88 RUL B . -7.14 3.61 5.44
#